data_9D5Q
#
_entry.id   9D5Q
#
_cell.length_a   56.166
_cell.length_b   59.968
_cell.length_c   76.932
_cell.angle_alpha   90.00
_cell.angle_beta   90.00
_cell.angle_gamma   90.00
#
_symmetry.space_group_name_H-M   'P 2 21 21'
#
loop_
_entity.id
_entity.type
_entity.pdbx_description
1 polymer 'Carbapenem-hydrolyzing beta-lactamase KPC'
2 non-polymer 'SULFATE ION'
3 non-polymer GLYCEROL
4 non-polymer '({7-bromo-2-oxo-1-[(1Z)-3-phenylprop-1-en-1-yl]-1,2-dihydroquinolin-4-yl}methyl)phosphonic acid'
5 water water
#
_entity_poly.entity_id   1
_entity_poly.type   'polypeptide(L)'
_entity_poly.pdbx_seq_one_letter_code
;MGSSHHHHHHSSGLVPRGSHMLTNLVAEPFAKLEQDFGGSIGVYAMDTGSGATVSYRAEERFPLCSSFKGFLAAAVLARS
QQQAGLLDTPIRYGKNALVPWSPISEKYLTTGMTVAELSAAAVQYSDNAAANLLLKELGGPAGLTAFMRSIGDTTFRLDR
WELELNSAIPGDARDTSSPRAVTESLQKLTLGSALAAPQRQQFVDWLKGNTTGNHRIRAAVPADWAVGDKTGTCGVYGTA
NDYAVVWPTGRAPIVLAVYTRAPNKDDKHSEAVIAAAARLALEGLGVNGQ
;
_entity_poly.pdbx_strand_id   A
#
# COMPACT_ATOMS: atom_id res chain seq x y z
N HIS A 20 -13.84 21.70 -5.11
CA HIS A 20 -13.52 20.69 -4.04
C HIS A 20 -12.07 20.18 -4.20
N MET A 21 -11.13 21.11 -4.50
CA MET A 21 -9.67 20.92 -4.31
C MET A 21 -9.27 21.71 -3.05
N LEU A 22 -9.18 21.01 -1.92
CA LEU A 22 -9.17 21.57 -0.54
C LEU A 22 -7.73 21.59 -0.02
N THR A 23 -6.76 21.41 -0.91
CA THR A 23 -5.31 21.32 -0.60
C THR A 23 -4.84 22.62 0.08
N ASN A 24 -5.33 23.78 -0.37
CA ASN A 24 -4.89 25.12 0.11
C ASN A 24 -5.25 25.25 1.59
N LEU A 25 -6.32 24.60 2.06
CA LEU A 25 -6.59 24.52 3.52
C LEU A 25 -5.35 23.99 4.26
N VAL A 26 -4.53 23.12 3.63
CA VAL A 26 -3.43 22.36 4.32
C VAL A 26 -2.08 22.40 3.54
N ALA A 27 -1.97 23.12 2.42
CA ALA A 27 -0.73 23.15 1.60
C ALA A 27 0.46 23.67 2.43
N GLU A 28 0.26 24.72 3.23
CA GLU A 28 1.33 25.35 4.05
C GLU A 28 1.76 24.36 5.13
N PRO A 29 0.83 23.80 5.92
CA PRO A 29 1.15 22.77 6.89
C PRO A 29 1.95 21.58 6.30
N PHE A 30 1.59 21.13 5.10
CA PHE A 30 2.31 20.00 4.45
C PHE A 30 3.77 20.41 4.22
N ALA A 31 3.99 21.64 3.75
CA ALA A 31 5.36 22.14 3.44
C ALA A 31 6.19 22.15 4.72
N LYS A 32 5.58 22.56 5.83
CA LYS A 32 6.25 22.67 7.14
C LYS A 32 6.58 21.25 7.65
N LEU A 33 5.65 20.30 7.51
CA LEU A 33 5.86 18.89 7.92
C LEU A 33 7.02 18.30 7.10
N GLU A 34 7.05 18.50 5.79
CA GLU A 34 8.12 17.88 4.99
C GLU A 34 9.43 18.61 5.28
N GLN A 35 9.41 19.93 5.53
CA GLN A 35 10.63 20.68 5.93
C GLN A 35 11.21 20.11 7.22
N ASP A 36 10.37 19.88 8.24
CA ASP A 36 10.79 19.29 9.53
C ASP A 36 11.28 17.85 9.29
N PHE A 37 10.63 17.10 8.40
CA PHE A 37 11.02 15.70 8.09
C PHE A 37 12.40 15.69 7.45
N GLY A 38 12.65 16.62 6.53
CA GLY A 38 13.91 16.74 5.77
C GLY A 38 13.87 15.91 4.50
N GLY A 39 12.70 15.69 3.96
CA GLY A 39 12.57 14.86 2.75
C GLY A 39 11.37 15.30 1.96
N SER A 40 10.79 14.43 1.19
CA SER A 40 9.57 14.70 0.39
C SER A 40 8.42 13.87 0.92
N ILE A 41 7.25 14.49 1.05
CA ILE A 41 5.98 13.78 1.43
C ILE A 41 4.98 13.91 0.28
N GLY A 42 4.42 12.78 -0.12
CA GLY A 42 3.41 12.69 -1.19
C GLY A 42 2.13 12.13 -0.61
N VAL A 43 1.05 12.85 -0.81
CA VAL A 43 -0.30 12.50 -0.29
C VAL A 43 -1.32 12.69 -1.40
N TYR A 44 -2.21 11.74 -1.55
CA TYR A 44 -3.49 11.91 -2.26
C TYR A 44 -4.58 11.25 -1.43
N ALA A 45 -5.61 12.04 -1.12
CA ALA A 45 -6.75 11.61 -0.30
C ALA A 45 -8.02 11.97 -1.05
N MET A 46 -8.94 11.03 -1.11
N MET A 46 -8.92 11.00 -1.17
CA MET A 46 -10.20 11.17 -1.89
CA MET A 46 -10.21 11.12 -1.89
C MET A 46 -11.39 10.91 -0.95
C MET A 46 -11.35 10.94 -0.89
N ASP A 47 -12.29 11.88 -0.84
CA ASP A 47 -13.59 11.68 -0.15
C ASP A 47 -14.51 11.04 -1.18
N THR A 48 -14.81 9.75 -1.06
CA THR A 48 -15.58 8.99 -2.08
C THR A 48 -17.04 9.47 -2.12
N GLY A 49 -17.50 10.27 -1.16
CA GLY A 49 -18.86 10.84 -1.17
C GLY A 49 -18.96 11.99 -2.16
N SER A 50 -18.29 13.10 -1.86
CA SER A 50 -18.26 14.36 -2.63
C SER A 50 -17.31 14.28 -3.84
N GLY A 51 -16.28 13.43 -3.77
CA GLY A 51 -15.16 13.44 -4.73
C GLY A 51 -14.14 14.54 -4.42
N ALA A 52 -14.31 15.28 -3.32
CA ALA A 52 -13.31 16.26 -2.80
C ALA A 52 -11.95 15.53 -2.62
N THR A 53 -10.87 16.26 -2.87
CA THR A 53 -9.53 15.64 -2.82
C THR A 53 -8.50 16.54 -2.15
N VAL A 54 -7.44 15.92 -1.61
CA VAL A 54 -6.28 16.67 -1.05
C VAL A 54 -5.07 16.09 -1.77
N SER A 55 -4.26 16.93 -2.40
CA SER A 55 -3.09 16.56 -3.21
C SER A 55 -1.88 17.31 -2.68
N TYR A 56 -0.81 16.59 -2.40
CA TYR A 56 0.51 17.22 -2.14
C TYR A 56 1.55 16.30 -2.74
N ARG A 57 2.26 16.77 -3.78
CA ARG A 57 3.23 15.92 -4.50
C ARG A 57 2.55 14.61 -4.95
N ALA A 58 1.25 14.66 -5.28
CA ALA A 58 0.43 13.46 -5.57
C ALA A 58 0.84 12.78 -6.88
N GLU A 59 1.52 13.48 -7.78
CA GLU A 59 1.88 12.90 -9.10
C GLU A 59 3.37 12.53 -9.13
N GLU A 60 4.17 12.81 -8.09
CA GLU A 60 5.59 12.38 -8.06
C GLU A 60 5.65 10.85 -7.82
N ARG A 61 6.71 10.20 -8.33
CA ARG A 61 6.99 8.77 -8.12
C ARG A 61 7.66 8.61 -6.76
N PHE A 62 7.16 7.66 -5.97
CA PHE A 62 7.79 7.22 -4.71
C PHE A 62 8.00 5.72 -4.82
N PRO A 63 9.08 5.19 -4.22
CA PRO A 63 9.27 3.74 -4.07
C PRO A 63 8.08 3.08 -3.37
N LEU A 64 7.56 1.99 -3.94
CA LEU A 64 6.46 1.21 -3.35
C LEU A 64 6.90 0.50 -2.05
N CYS A 65 8.14 0.02 -1.96
CA CYS A 65 8.60 -0.88 -0.87
C CYS A 65 7.53 -1.98 -0.74
N SER A 66 7.15 -2.41 0.47
CA SER A 66 6.21 -3.54 0.67
C SER A 66 4.80 -3.22 0.15
N SER A 67 4.50 -1.96 -0.20
CA SER A 67 3.09 -1.55 -0.42
C SER A 67 2.55 -2.26 -1.67
N PHE A 68 3.41 -2.80 -2.55
CA PHE A 68 2.96 -3.55 -3.75
C PHE A 68 2.20 -4.81 -3.33
N LYS A 69 2.47 -5.33 -2.12
CA LYS A 69 1.92 -6.63 -1.66
C LYS A 69 0.38 -6.58 -1.59
N GLY A 70 -0.21 -5.42 -1.30
CA GLY A 70 -1.68 -5.27 -1.26
C GLY A 70 -2.24 -5.47 -2.64
N PHE A 71 -1.66 -4.78 -3.63
CA PHE A 71 -2.00 -4.96 -5.06
C PHE A 71 -1.75 -6.40 -5.53
N LEU A 72 -0.65 -7.01 -5.10
CA LEU A 72 -0.32 -8.44 -5.37
C LEU A 72 -1.49 -9.33 -4.92
N ALA A 73 -1.95 -9.14 -3.69
CA ALA A 73 -3.08 -9.90 -3.11
C ALA A 73 -4.32 -9.67 -3.97
N ALA A 74 -4.59 -8.41 -4.38
CA ALA A 74 -5.77 -8.08 -5.21
C ALA A 74 -5.66 -8.79 -6.57
N ALA A 75 -4.45 -8.85 -7.16
CA ALA A 75 -4.23 -9.53 -8.47
C ALA A 75 -4.53 -11.03 -8.30
N VAL A 76 -4.11 -11.64 -7.19
CA VAL A 76 -4.40 -13.08 -6.94
C VAL A 76 -5.92 -13.29 -6.83
N LEU A 77 -6.61 -12.45 -6.06
CA LEU A 77 -8.09 -12.46 -5.96
C LEU A 77 -8.70 -12.32 -7.36
N ALA A 78 -8.15 -11.44 -8.21
CA ALA A 78 -8.68 -11.24 -9.58
C ALA A 78 -8.55 -12.56 -10.37
N ARG A 79 -7.41 -13.20 -10.30
CA ARG A 79 -7.17 -14.47 -11.01
C ARG A 79 -8.11 -15.57 -10.46
N SER A 80 -8.47 -15.52 -9.17
CA SER A 80 -9.31 -16.57 -8.51
C SER A 80 -10.74 -16.49 -9.06
N GLN A 81 -11.12 -15.36 -9.67
CA GLN A 81 -12.47 -15.18 -10.26
C GLN A 81 -12.60 -16.09 -11.49
N GLN A 82 -11.47 -16.41 -12.12
CA GLN A 82 -11.38 -17.07 -13.44
C GLN A 82 -10.79 -18.47 -13.29
N GLN A 83 -10.07 -18.75 -12.20
CA GLN A 83 -9.30 -20.02 -12.06
C GLN A 83 -9.80 -20.79 -10.84
N ALA A 84 -10.57 -21.86 -11.08
CA ALA A 84 -11.19 -22.70 -10.03
C ALA A 84 -10.11 -23.19 -9.06
N GLY A 85 -10.27 -22.89 -7.77
CA GLY A 85 -9.49 -23.51 -6.68
C GLY A 85 -8.17 -22.81 -6.40
N LEU A 86 -7.87 -21.69 -7.07
CA LEU A 86 -6.53 -21.03 -6.95
C LEU A 86 -6.25 -20.73 -5.47
N LEU A 87 -7.19 -20.13 -4.74
CA LEU A 87 -6.91 -19.73 -3.33
C LEU A 87 -6.53 -20.93 -2.43
N ASP A 88 -7.03 -22.14 -2.68
CA ASP A 88 -6.86 -23.31 -1.77
C ASP A 88 -5.59 -24.12 -2.12
N THR A 89 -4.92 -23.83 -3.25
CA THR A 89 -3.71 -24.53 -3.70
C THR A 89 -2.65 -24.48 -2.60
N PRO A 90 -2.16 -25.64 -2.11
CA PRO A 90 -1.04 -25.66 -1.18
C PRO A 90 0.25 -25.30 -1.93
N ILE A 91 1.08 -24.46 -1.34
CA ILE A 91 2.39 -24.05 -1.93
C ILE A 91 3.46 -24.51 -0.96
N ARG A 92 4.46 -25.25 -1.45
CA ARG A 92 5.58 -25.73 -0.61
C ARG A 92 6.83 -25.01 -1.07
N TYR A 93 7.70 -24.66 -0.14
CA TYR A 93 8.89 -23.84 -0.42
C TYR A 93 10.06 -24.31 0.44
N GLY A 94 11.26 -24.05 -0.04
CA GLY A 94 12.53 -24.45 0.61
C GLY A 94 13.04 -23.36 1.51
N LYS A 95 13.97 -23.70 2.38
CA LYS A 95 14.71 -22.74 3.24
C LYS A 95 15.15 -21.52 2.41
N ASN A 96 15.54 -21.72 1.15
CA ASN A 96 16.19 -20.66 0.34
C ASN A 96 15.18 -19.54 0.02
N ALA A 97 13.86 -19.80 0.12
CA ALA A 97 12.80 -18.81 -0.15
C ALA A 97 12.68 -17.83 1.01
N LEU A 98 13.24 -18.17 2.17
CA LEU A 98 13.02 -17.43 3.44
C LEU A 98 13.94 -16.21 3.54
N VAL A 99 13.70 -15.21 2.71
CA VAL A 99 14.42 -13.92 2.78
C VAL A 99 14.01 -13.20 4.06
N PRO A 100 14.78 -12.20 4.51
CA PRO A 100 14.46 -11.50 5.75
C PRO A 100 13.04 -10.90 5.74
N TRP A 101 12.46 -10.79 6.94
CA TRP A 101 11.07 -10.35 7.24
C TRP A 101 10.10 -11.28 6.52
N SER A 102 10.13 -12.55 6.92
CA SER A 102 9.17 -13.59 6.50
C SER A 102 8.57 -14.22 7.76
N PRO A 103 7.91 -13.43 8.63
CA PRO A 103 7.53 -13.91 9.96
C PRO A 103 6.40 -14.95 10.00
N ILE A 104 5.60 -15.09 8.96
CA ILE A 104 4.58 -16.18 8.86
C ILE A 104 5.18 -17.38 8.13
N SER A 105 5.75 -17.19 6.96
CA SER A 105 6.20 -18.32 6.11
C SER A 105 7.36 -19.09 6.77
N GLU A 106 8.16 -18.47 7.64
CA GLU A 106 9.21 -19.17 8.43
C GLU A 106 8.55 -20.18 9.40
N LYS A 107 7.33 -19.95 9.87
CA LYS A 107 6.64 -20.87 10.83
C LYS A 107 5.97 -22.06 10.09
N TYR A 108 5.85 -22.02 8.77
CA TYR A 108 5.22 -23.09 7.96
C TYR A 108 6.20 -23.63 6.90
N LEU A 109 7.51 -23.38 7.08
CA LEU A 109 8.54 -23.91 6.15
C LEU A 109 8.36 -25.43 5.98
N THR A 110 8.21 -26.16 7.08
CA THR A 110 8.15 -27.64 7.07
C THR A 110 6.79 -28.16 6.59
N THR A 111 5.81 -27.29 6.30
CA THR A 111 4.43 -27.72 5.99
C THR A 111 3.93 -27.13 4.67
N GLY A 112 4.39 -25.94 4.30
CA GLY A 112 3.77 -25.18 3.19
C GLY A 112 2.53 -24.42 3.64
N MET A 113 1.95 -23.62 2.74
CA MET A 113 0.81 -22.70 3.07
C MET A 113 -0.06 -22.65 1.84
N THR A 114 -1.35 -22.30 1.95
CA THR A 114 -2.21 -22.13 0.74
C THR A 114 -1.91 -20.77 0.08
N VAL A 115 -2.35 -20.59 -1.16
CA VAL A 115 -2.27 -19.29 -1.87
C VAL A 115 -2.97 -18.20 -1.02
N ALA A 116 -4.12 -18.51 -0.44
CA ALA A 116 -4.90 -17.55 0.39
C ALA A 116 -4.08 -17.16 1.62
N GLU A 117 -3.42 -18.11 2.24
CA GLU A 117 -2.62 -17.86 3.47
C GLU A 117 -1.38 -17.03 3.11
N LEU A 118 -0.73 -17.33 1.99
CA LEU A 118 0.42 -16.50 1.52
C LEU A 118 -0.08 -15.06 1.29
N SER A 119 -1.24 -14.92 0.65
CA SER A 119 -1.85 -13.61 0.34
C SER A 119 -2.13 -12.85 1.64
N ALA A 120 -2.78 -13.51 2.60
CA ALA A 120 -3.04 -12.94 3.93
C ALA A 120 -1.70 -12.54 4.57
N ALA A 121 -0.68 -13.39 4.50
CA ALA A 121 0.60 -13.13 5.19
C ALA A 121 1.30 -11.94 4.51
N ALA A 122 1.21 -11.85 3.19
CA ALA A 122 1.82 -10.72 2.42
C ALA A 122 1.15 -9.41 2.83
N VAL A 123 -0.16 -9.41 2.99
CA VAL A 123 -0.92 -8.18 3.29
C VAL A 123 -0.76 -7.84 4.76
N GLN A 124 -0.94 -8.81 5.67
CA GLN A 124 -1.18 -8.54 7.10
C GLN A 124 0.15 -8.59 7.88
N TYR A 125 1.18 -9.24 7.37
CA TYR A 125 2.51 -9.28 8.05
C TYR A 125 3.62 -8.78 7.12
N SER A 126 3.30 -8.38 5.88
CA SER A 126 4.28 -7.88 4.89
C SER A 126 5.31 -8.98 4.57
N ASP A 127 4.88 -10.25 4.63
CA ASP A 127 5.76 -11.44 4.52
C ASP A 127 6.46 -11.46 3.15
N ASN A 128 7.80 -11.35 3.15
CA ASN A 128 8.61 -11.20 1.89
C ASN A 128 8.65 -12.51 1.11
N ALA A 129 8.87 -13.67 1.78
CA ALA A 129 8.85 -14.96 1.08
C ALA A 129 7.47 -15.14 0.45
N ALA A 130 6.40 -14.88 1.19
CA ALA A 130 5.02 -15.08 0.67
C ALA A 130 4.85 -14.20 -0.57
N ALA A 131 5.34 -12.97 -0.53
CA ALA A 131 5.23 -12.02 -1.66
C ALA A 131 5.95 -12.58 -2.88
N ASN A 132 7.20 -13.04 -2.75
CA ASN A 132 7.98 -13.62 -3.88
C ASN A 132 7.28 -14.86 -4.43
N LEU A 133 6.74 -15.72 -3.57
CA LEU A 133 6.00 -16.93 -4.04
C LEU A 133 4.77 -16.55 -4.85
N LEU A 134 4.00 -15.53 -4.42
CA LEU A 134 2.77 -15.10 -5.15
C LEU A 134 3.17 -14.39 -6.46
N LEU A 135 4.24 -13.61 -6.45
CA LEU A 135 4.75 -12.95 -7.66
C LEU A 135 5.02 -14.02 -8.72
N LYS A 136 5.68 -15.11 -8.32
CA LYS A 136 6.02 -16.23 -9.23
C LYS A 136 4.73 -16.78 -9.83
N GLU A 137 3.68 -16.99 -9.02
CA GLU A 137 2.35 -17.45 -9.53
C GLU A 137 1.82 -16.50 -10.62
N LEU A 138 2.08 -15.18 -10.55
CA LEU A 138 1.52 -14.17 -11.52
C LEU A 138 2.46 -13.96 -12.72
N GLY A 139 3.62 -14.60 -12.75
CA GLY A 139 4.62 -14.36 -13.80
C GLY A 139 5.52 -13.17 -13.49
N GLY A 140 5.72 -12.88 -12.21
CA GLY A 140 6.75 -11.92 -11.76
C GLY A 140 6.23 -10.48 -11.76
N PRO A 141 7.15 -9.52 -11.52
CA PRO A 141 6.83 -8.09 -11.49
C PRO A 141 6.04 -7.60 -12.72
N ALA A 142 6.36 -8.08 -13.92
CA ALA A 142 5.64 -7.70 -15.15
C ALA A 142 4.19 -8.17 -15.07
N GLY A 143 3.95 -9.34 -14.48
CA GLY A 143 2.58 -9.88 -14.36
C GLY A 143 1.74 -9.05 -13.41
N LEU A 144 2.30 -8.60 -12.28
CA LEU A 144 1.55 -7.68 -11.37
C LEU A 144 1.34 -6.33 -12.09
N THR A 145 2.35 -5.81 -12.77
CA THR A 145 2.24 -4.57 -13.58
C THR A 145 1.09 -4.73 -14.60
N ALA A 146 1.01 -5.85 -15.30
CA ALA A 146 -0.05 -6.14 -16.30
C ALA A 146 -1.43 -6.10 -15.63
N PHE A 147 -1.60 -6.67 -14.43
CA PHE A 147 -2.88 -6.60 -13.67
C PHE A 147 -3.24 -5.12 -13.40
N MET A 148 -2.28 -4.30 -12.95
CA MET A 148 -2.53 -2.87 -12.65
C MET A 148 -2.93 -2.14 -13.95
N ARG A 149 -2.27 -2.43 -15.06
CA ARG A 149 -2.65 -1.83 -16.38
C ARG A 149 -4.10 -2.18 -16.69
N SER A 150 -4.54 -3.39 -16.35
CA SER A 150 -5.89 -3.93 -16.69
C SER A 150 -6.98 -3.18 -15.92
N ILE A 151 -6.66 -2.55 -14.79
CA ILE A 151 -7.70 -1.80 -14.03
C ILE A 151 -7.61 -0.30 -14.34
N GLY A 152 -6.78 0.08 -15.32
CA GLY A 152 -6.63 1.47 -15.79
C GLY A 152 -5.48 2.21 -15.10
N ASP A 153 -4.59 1.52 -14.37
CA ASP A 153 -3.43 2.19 -13.70
C ASP A 153 -2.24 2.18 -14.66
N THR A 154 -1.87 3.35 -15.21
CA THR A 154 -0.74 3.48 -16.19
C THR A 154 0.54 3.97 -15.48
N THR A 155 0.53 4.16 -14.16
CA THR A 155 1.67 4.76 -13.41
C THR A 155 2.46 3.66 -12.73
N PHE A 156 1.77 2.73 -12.09
CA PHE A 156 2.35 1.64 -11.27
C PHE A 156 3.37 0.89 -12.11
N ARG A 157 4.54 0.67 -11.54
CA ARG A 157 5.48 -0.32 -12.11
C ARG A 157 6.16 -1.10 -11.00
N LEU A 158 6.08 -2.42 -11.08
CA LEU A 158 7.03 -3.29 -10.34
C LEU A 158 8.03 -3.87 -11.34
N ASP A 159 9.30 -3.86 -10.94
CA ASP A 159 10.45 -4.21 -11.79
C ASP A 159 11.20 -5.42 -11.24
N ARG A 160 11.26 -5.56 -9.91
CA ARG A 160 12.17 -6.48 -9.21
C ARG A 160 11.41 -7.25 -8.13
N TRP A 161 12.11 -8.16 -7.44
CA TRP A 161 11.55 -9.05 -6.37
C TRP A 161 12.00 -8.52 -5.00
N GLU A 162 11.56 -9.15 -3.89
CA GLU A 162 12.07 -8.81 -2.54
C GLU A 162 13.42 -9.50 -2.40
N LEU A 163 14.49 -8.86 -1.87
CA LEU A 163 14.49 -7.53 -1.27
C LEU A 163 15.00 -6.44 -2.24
N GLU A 164 15.42 -6.80 -3.46
CA GLU A 164 16.14 -5.85 -4.37
C GLU A 164 15.24 -4.65 -4.68
N LEU A 165 13.91 -4.84 -4.74
CA LEU A 165 12.97 -3.72 -5.05
C LEU A 165 13.03 -2.60 -4.00
N ASN A 166 13.76 -2.77 -2.89
CA ASN A 166 13.81 -1.79 -1.78
C ASN A 166 14.92 -0.75 -1.93
N SER A 167 15.69 -0.77 -3.02
CA SER A 167 16.90 0.08 -3.18
C SER A 167 16.53 1.58 -3.10
N ALA A 168 15.36 2.00 -3.57
CA ALA A 168 14.81 3.37 -3.34
C ALA A 168 15.82 4.42 -3.82
N ILE A 169 16.44 4.16 -4.96
CA ILE A 169 17.46 5.07 -5.52
C ILE A 169 16.79 6.37 -6.01
N PRO A 170 17.35 7.54 -5.62
CA PRO A 170 16.79 8.83 -6.04
C PRO A 170 16.71 8.93 -7.57
N GLY A 171 15.53 9.27 -8.07
CA GLY A 171 15.30 9.43 -9.52
C GLY A 171 14.98 8.12 -10.25
N ASP A 172 15.19 6.98 -9.60
CA ASP A 172 14.91 5.63 -10.18
C ASP A 172 13.38 5.39 -10.17
N ALA A 173 12.81 5.20 -11.36
CA ALA A 173 11.35 4.93 -11.54
C ALA A 173 11.05 3.45 -11.29
N ARG A 174 12.04 2.57 -11.23
CA ARG A 174 11.79 1.13 -10.96
C ARG A 174 11.02 0.99 -9.62
N ASP A 175 9.99 0.14 -9.59
CA ASP A 175 9.30 -0.26 -8.34
C ASP A 175 8.75 0.99 -7.67
N THR A 176 8.09 1.87 -8.46
CA THR A 176 7.44 3.09 -7.97
C THR A 176 5.98 3.17 -8.45
N SER A 177 5.24 4.04 -7.79
CA SER A 177 4.00 4.65 -8.31
C SER A 177 3.89 6.05 -7.73
N SER A 178 2.74 6.68 -7.96
CA SER A 178 2.42 8.00 -7.40
C SER A 178 1.33 7.81 -6.34
N PRO A 179 1.29 8.66 -5.31
CA PRO A 179 0.21 8.60 -4.33
C PRO A 179 -1.18 8.61 -5.00
N ARG A 180 -1.35 9.39 -6.07
CA ARG A 180 -2.67 9.52 -6.72
C ARG A 180 -3.03 8.18 -7.37
N ALA A 181 -2.10 7.58 -8.10
CA ALA A 181 -2.32 6.31 -8.82
C ALA A 181 -2.60 5.23 -7.80
N VAL A 182 -1.86 5.21 -6.72
CA VAL A 182 -2.09 4.22 -5.62
C VAL A 182 -3.53 4.36 -5.07
N THR A 183 -3.94 5.57 -4.71
CA THR A 183 -5.29 5.88 -4.18
C THR A 183 -6.35 5.48 -5.21
N GLU A 184 -6.16 5.87 -6.47
CA GLU A 184 -7.14 5.60 -7.57
C GLU A 184 -7.32 4.07 -7.74
N SER A 185 -6.23 3.31 -7.73
CA SER A 185 -6.27 1.84 -7.84
C SER A 185 -6.85 1.22 -6.58
N LEU A 186 -6.48 1.71 -5.41
CA LEU A 186 -7.04 1.19 -4.13
C LEU A 186 -8.56 1.38 -4.10
N GLN A 187 -9.06 2.53 -4.54
N GLN A 187 -9.07 2.53 -4.55
CA GLN A 187 -10.52 2.80 -4.59
CA GLN A 187 -10.53 2.81 -4.60
C GLN A 187 -11.20 1.80 -5.54
C GLN A 187 -11.21 1.80 -5.54
N LYS A 188 -10.65 1.61 -6.74
CA LYS A 188 -11.25 0.71 -7.75
C LYS A 188 -11.36 -0.72 -7.15
N LEU A 189 -10.36 -1.16 -6.39
CA LEU A 189 -10.26 -2.57 -5.92
C LEU A 189 -11.07 -2.79 -4.65
N THR A 190 -11.18 -1.79 -3.77
CA THR A 190 -11.87 -1.95 -2.45
C THR A 190 -13.33 -1.47 -2.53
N LEU A 191 -13.63 -0.43 -3.31
CA LEU A 191 -14.96 0.24 -3.30
C LEU A 191 -15.57 0.22 -4.70
N GLY A 192 -14.78 0.12 -5.77
CA GLY A 192 -15.31 0.13 -7.14
C GLY A 192 -15.63 -1.27 -7.61
N SER A 193 -15.46 -1.52 -8.90
CA SER A 193 -15.95 -2.75 -9.57
C SER A 193 -14.80 -3.48 -10.24
N ALA A 194 -13.56 -3.19 -9.86
CA ALA A 194 -12.38 -3.88 -10.39
C ALA A 194 -12.39 -5.35 -9.94
N LEU A 195 -12.87 -5.66 -8.73
CA LEU A 195 -13.06 -7.07 -8.29
C LEU A 195 -14.56 -7.38 -8.17
N ALA A 196 -14.93 -8.65 -8.33
CA ALA A 196 -16.29 -9.16 -7.99
C ALA A 196 -16.53 -9.01 -6.48
N ALA A 197 -17.78 -8.94 -6.04
CA ALA A 197 -18.17 -8.51 -4.67
C ALA A 197 -17.46 -9.36 -3.60
N PRO A 198 -17.40 -10.71 -3.72
CA PRO A 198 -16.78 -11.54 -2.68
C PRO A 198 -15.26 -11.29 -2.55
N GLN A 199 -14.57 -11.24 -3.69
CA GLN A 199 -13.11 -10.96 -3.80
C GLN A 199 -12.82 -9.58 -3.21
N ARG A 200 -13.65 -8.57 -3.54
CA ARG A 200 -13.54 -7.20 -2.97
C ARG A 200 -13.62 -7.26 -1.45
N GLN A 201 -14.60 -7.97 -0.90
CA GLN A 201 -14.77 -8.05 0.56
C GLN A 201 -13.58 -8.80 1.17
N GLN A 202 -13.07 -9.86 0.53
CA GLN A 202 -11.84 -10.54 1.02
C GLN A 202 -10.67 -9.54 1.02
N PHE A 203 -10.55 -8.72 -0.03
CA PHE A 203 -9.43 -7.75 -0.13
C PHE A 203 -9.56 -6.78 1.05
N VAL A 204 -10.77 -6.24 1.24
CA VAL A 204 -11.04 -5.31 2.37
C VAL A 204 -10.70 -6.00 3.71
N ASP A 205 -11.12 -7.25 3.90
CA ASP A 205 -10.90 -7.99 5.19
C ASP A 205 -9.41 -8.18 5.44
N TRP A 206 -8.64 -8.47 4.40
CA TRP A 206 -7.17 -8.60 4.54
C TRP A 206 -6.57 -7.30 5.02
N LEU A 207 -6.95 -6.17 4.41
CA LEU A 207 -6.36 -4.86 4.78
C LEU A 207 -6.81 -4.48 6.19
N LYS A 208 -8.06 -4.79 6.52
CA LYS A 208 -8.61 -4.49 7.88
C LYS A 208 -7.74 -5.17 8.92
N GLY A 209 -7.29 -6.39 8.65
CA GLY A 209 -6.56 -7.24 9.64
C GLY A 209 -5.04 -6.99 9.62
N ASN A 210 -4.58 -5.97 8.91
CA ASN A 210 -3.12 -5.71 8.83
C ASN A 210 -2.57 -5.43 10.24
N THR A 211 -1.36 -5.88 10.54
CA THR A 211 -0.72 -5.73 11.88
C THR A 211 0.44 -4.75 11.88
N THR A 212 0.92 -4.29 10.72
CA THR A 212 2.19 -3.55 10.61
C THR A 212 1.97 -2.03 10.58
N GLY A 213 0.73 -1.55 10.64
CA GLY A 213 0.41 -0.14 10.33
C GLY A 213 -0.11 0.68 11.51
N ASN A 214 0.06 0.22 12.75
CA ASN A 214 -0.57 0.87 13.92
C ASN A 214 0.01 2.25 14.17
N HIS A 215 1.21 2.56 13.69
CA HIS A 215 1.90 3.85 13.93
C HIS A 215 1.81 4.77 12.71
N ARG A 216 1.05 4.39 11.66
CA ARG A 216 0.95 5.21 10.43
C ARG A 216 -0.47 5.76 10.30
N ILE A 217 -1.18 5.48 9.20
CA ILE A 217 -2.51 6.13 8.95
C ILE A 217 -3.45 5.84 10.12
N ARG A 218 -3.41 4.62 10.66
CA ARG A 218 -4.25 4.19 11.82
C ARG A 218 -4.06 5.10 13.03
N ALA A 219 -2.86 5.65 13.22
CA ALA A 219 -2.54 6.53 14.36
C ALA A 219 -3.29 7.85 14.22
N ALA A 220 -3.76 8.18 13.02
CA ALA A 220 -4.46 9.45 12.74
C ALA A 220 -5.98 9.26 12.82
N VAL A 221 -6.44 8.03 13.00
CA VAL A 221 -7.89 7.67 12.84
C VAL A 221 -8.46 7.32 14.21
N PRO A 222 -9.64 7.85 14.61
CA PRO A 222 -10.30 7.44 15.85
C PRO A 222 -10.63 5.93 15.92
N ALA A 223 -10.62 5.39 17.13
CA ALA A 223 -10.85 3.95 17.44
C ALA A 223 -12.19 3.46 16.87
N ASP A 224 -13.21 4.32 16.77
CA ASP A 224 -14.58 3.89 16.37
C ASP A 224 -14.73 3.89 14.84
N TRP A 225 -13.68 4.22 14.07
CA TRP A 225 -13.71 4.12 12.58
C TRP A 225 -13.02 2.83 12.14
N ALA A 226 -13.55 2.18 11.12
CA ALA A 226 -12.91 1.02 10.46
C ALA A 226 -11.80 1.54 9.51
N VAL A 227 -10.70 0.78 9.40
CA VAL A 227 -9.48 1.12 8.59
C VAL A 227 -8.88 -0.18 8.10
N GLY A 228 -8.59 -0.24 6.81
CA GLY A 228 -7.67 -1.23 6.21
C GLY A 228 -6.47 -0.53 5.61
N ASP A 229 -5.26 -1.03 5.85
CA ASP A 229 -4.07 -0.34 5.32
C ASP A 229 -3.05 -1.38 4.82
N LYS A 230 -2.14 -0.94 3.96
CA LYS A 230 -0.89 -1.67 3.67
C LYS A 230 0.30 -0.71 3.79
N THR A 231 1.31 -1.11 4.56
CA THR A 231 2.57 -0.38 4.83
C THR A 231 3.63 -0.72 3.76
N GLY A 232 4.58 0.17 3.57
CA GLY A 232 5.87 -0.15 2.95
C GLY A 232 7.01 0.55 3.67
N THR A 233 8.12 -0.14 3.88
CA THR A 233 9.35 0.46 4.45
C THR A 233 10.55 -0.12 3.70
N CYS A 234 11.25 0.72 2.97
CA CYS A 234 12.42 0.35 2.15
C CYS A 234 13.68 0.18 3.03
N GLY A 235 13.85 0.99 4.08
CA GLY A 235 14.98 0.88 5.00
C GLY A 235 16.17 1.76 4.60
N VAL A 236 15.99 2.58 3.57
CA VAL A 236 17.03 3.51 3.03
C VAL A 236 16.33 4.77 2.55
N TYR A 237 17.04 5.89 2.45
CA TYR A 237 16.56 7.08 1.71
C TYR A 237 15.26 7.57 2.36
N GLY A 238 15.15 7.43 3.69
CA GLY A 238 13.97 7.84 4.48
C GLY A 238 12.68 7.47 3.79
N THR A 239 12.64 6.30 3.14
CA THR A 239 11.52 5.85 2.27
C THR A 239 10.60 4.87 2.98
N ALA A 240 9.35 5.29 3.23
CA ALA A 240 8.31 4.48 3.88
C ALA A 240 6.96 5.03 3.46
N ASN A 241 5.91 4.24 3.65
CA ASN A 241 4.58 4.64 3.16
C ASN A 241 3.50 3.81 3.85
N ASP A 242 2.28 4.18 3.52
CA ASP A 242 1.05 3.50 3.95
C ASP A 242 -0.07 3.98 3.03
N TYR A 243 -0.96 3.10 2.66
CA TYR A 243 -2.26 3.47 2.04
C TYR A 243 -3.37 2.76 2.79
N ALA A 244 -4.55 3.36 2.75
CA ALA A 244 -5.67 2.95 3.59
C ALA A 244 -6.99 3.35 2.95
N VAL A 245 -8.00 2.60 3.35
CA VAL A 245 -9.40 2.99 3.04
C VAL A 245 -9.93 3.20 4.46
N VAL A 246 -10.47 4.38 4.73
CA VAL A 246 -10.99 4.69 6.09
C VAL A 246 -12.51 4.87 6.00
N TRP A 247 -13.24 4.23 6.92
CA TRP A 247 -14.71 4.31 6.94
C TRP A 247 -15.11 5.17 8.15
N PRO A 248 -15.15 6.50 8.01
CA PRO A 248 -15.61 7.34 9.10
C PRO A 248 -17.09 6.99 9.31
N THR A 249 -17.55 7.07 10.55
CA THR A 249 -18.98 6.81 10.86
C THR A 249 -19.84 7.93 10.26
N GLY A 250 -20.98 7.57 9.68
CA GLY A 250 -21.92 8.59 9.18
C GLY A 250 -21.47 9.32 7.93
N ARG A 251 -20.43 8.85 7.27
CA ARG A 251 -20.02 9.48 6.00
C ARG A 251 -19.39 8.46 5.06
N ALA A 252 -19.24 8.82 3.79
CA ALA A 252 -18.65 7.93 2.77
C ALA A 252 -17.20 7.66 3.17
N PRO A 253 -16.66 6.50 2.75
CA PRO A 253 -15.25 6.19 3.00
C PRO A 253 -14.26 7.17 2.36
N ILE A 254 -13.11 7.28 3.02
CA ILE A 254 -11.92 8.05 2.55
C ILE A 254 -10.89 7.06 2.02
N VAL A 255 -10.33 7.31 0.84
CA VAL A 255 -9.17 6.52 0.35
C VAL A 255 -7.97 7.45 0.36
N LEU A 256 -6.84 7.05 0.93
CA LEU A 256 -5.64 7.92 0.89
C LEU A 256 -4.36 7.09 0.80
N ALA A 257 -3.33 7.77 0.30
CA ALA A 257 -1.96 7.27 0.19
C ALA A 257 -1.01 8.32 0.75
N VAL A 258 -0.06 7.89 1.57
CA VAL A 258 0.99 8.74 2.16
C VAL A 258 2.33 8.05 1.88
N TYR A 259 3.19 8.69 1.09
CA TYR A 259 4.50 8.14 0.67
C TYR A 259 5.57 9.14 1.11
N THR A 260 6.72 8.64 1.56
CA THR A 260 7.86 9.55 1.87
C THR A 260 9.12 9.02 1.19
N ARG A 261 10.05 9.93 0.93
N ARG A 261 10.06 9.93 0.95
CA ARG A 261 11.44 9.64 0.50
CA ARG A 261 11.46 9.59 0.61
C ARG A 261 12.31 10.77 1.05
C ARG A 261 12.32 10.80 0.98
N ALA A 262 13.63 10.61 1.00
CA ALA A 262 14.60 11.63 1.48
C ALA A 262 15.86 11.50 0.64
N PRO A 263 16.66 12.58 0.52
CA PRO A 263 17.77 12.60 -0.44
C PRO A 263 18.97 11.70 -0.14
N ASN A 264 19.23 11.36 1.14
CA ASN A 264 20.46 10.66 1.57
C ASN A 264 20.12 9.21 1.92
N LYS A 265 20.99 8.27 1.55
CA LYS A 265 20.74 6.82 1.78
C LYS A 265 20.52 6.56 3.29
N ASP A 266 21.24 7.25 4.16
N ASP A 266 21.27 7.27 4.11
CA ASP A 266 21.22 7.01 5.63
CA ASP A 266 21.32 7.20 5.59
C ASP A 266 20.18 7.93 6.31
C ASP A 266 20.06 7.76 6.24
N ASP A 267 19.33 8.63 5.54
CA ASP A 267 18.15 9.32 6.10
C ASP A 267 17.18 8.25 6.61
N LYS A 268 16.55 8.50 7.74
CA LYS A 268 15.64 7.54 8.40
C LYS A 268 14.21 7.91 8.01
N HIS A 269 13.36 6.92 7.84
CA HIS A 269 11.90 7.11 7.63
C HIS A 269 11.33 7.54 8.99
N SER A 270 10.12 8.06 9.02
CA SER A 270 9.42 8.44 10.28
C SER A 270 7.96 8.03 10.15
N GLU A 271 7.53 7.13 11.02
CA GLU A 271 6.11 6.73 11.10
C GLU A 271 5.27 7.91 11.59
N ALA A 272 5.82 8.76 12.48
CA ALA A 272 5.10 9.92 13.07
C ALA A 272 4.76 10.93 11.95
N VAL A 273 5.67 11.08 11.01
CA VAL A 273 5.49 12.01 9.86
C VAL A 273 4.35 11.47 8.97
N ILE A 274 4.31 10.16 8.76
CA ILE A 274 3.24 9.51 7.95
C ILE A 274 1.89 9.75 8.65
N ALA A 275 1.81 9.50 9.96
CA ALA A 275 0.59 9.75 10.78
C ALA A 275 0.21 11.24 10.68
N ALA A 276 1.17 12.13 10.89
CA ALA A 276 0.95 13.60 10.84
C ALA A 276 0.41 13.97 9.45
N ALA A 277 0.94 13.37 8.39
CA ALA A 277 0.51 13.66 7.00
C ALA A 277 -0.94 13.17 6.80
N ALA A 278 -1.27 11.98 7.30
CA ALA A 278 -2.63 11.41 7.19
C ALA A 278 -3.61 12.33 7.95
N ARG A 279 -3.20 12.82 9.12
N ARG A 279 -3.20 12.84 9.11
CA ARG A 279 -4.01 13.78 9.93
CA ARG A 279 -4.05 13.76 9.92
C ARG A 279 -4.32 15.01 9.08
C ARG A 279 -4.32 15.04 9.12
N LEU A 280 -3.30 15.63 8.49
CA LEU A 280 -3.46 16.85 7.63
C LEU A 280 -4.42 16.55 6.47
N ALA A 281 -4.36 15.36 5.86
CA ALA A 281 -5.20 15.01 4.68
C ALA A 281 -6.65 14.94 5.13
N LEU A 282 -6.92 14.31 6.27
CA LEU A 282 -8.28 14.17 6.85
C LEU A 282 -8.81 15.56 7.25
N GLU A 283 -7.97 16.40 7.85
CA GLU A 283 -8.33 17.80 8.21
C GLU A 283 -8.68 18.56 6.93
N GLY A 284 -7.91 18.36 5.86
CA GLY A 284 -8.12 18.98 4.55
C GLY A 284 -9.49 18.59 4.00
N LEU A 285 -9.85 17.32 4.12
CA LEU A 285 -11.17 16.81 3.63
C LEU A 285 -12.29 17.21 4.60
N GLY A 286 -11.96 17.86 5.72
CA GLY A 286 -12.97 18.33 6.69
C GLY A 286 -13.56 17.19 7.51
N VAL A 287 -12.87 16.05 7.62
CA VAL A 287 -13.38 14.90 8.43
C VAL A 287 -12.80 15.00 9.83
N ASN A 288 -13.62 14.65 10.83
CA ASN A 288 -13.47 14.96 12.28
C ASN A 288 -12.36 14.07 12.89
#